data_3QXS
#
_entry.id   3QXS
#
_cell.length_a   82.085
_cell.length_b   37.582
_cell.length_c   69.232
_cell.angle_alpha   90.00
_cell.angle_beta   101.28
_cell.angle_gamma   90.00
#
_symmetry.space_group_name_H-M   'C 1 2 1'
#
loop_
_entity.id
_entity.type
_entity.pdbx_description
1 polymer 'Dethiobiotin synthetase'
2 non-polymer 1,2-ETHANEDIOL
3 non-polymer 'PHOSPHOAMINOPHOSPHONIC ACID-ADENYLATE ESTER'
4 non-polymer 'MAGNESIUM ION'
5 non-polymer 'NITRATE ION'
6 water water
#
_entity_poly.entity_id   1
_entity_poly.type   'polypeptide(L)'
_entity_poly.pdbx_seq_one_letter_code
;MGSSHHHHHHSSGRENLYFQGHMLFISATNTNAGKTTCARLLAQYCNACGVKTILLKPIETGVNDAINHSSDAHLFLQDN
RLLDRSLTLKDISFYRYHKVSAPLIAQQEEDPNAPIDTDNLTQRLHNFTKTYDLVIVEGAGGLCVPITLEENMLDFALKL
KAKMLLISHDNLGLINDCLLNDFLLKSHQLDYKIAINLKGNNTAFHSISLPYIELFNTRSNNPIVIFQQSLKVLMSFALK
GS
;
_entity_poly.pdbx_strand_id   A
#
loop_
_chem_comp.id
_chem_comp.type
_chem_comp.name
_chem_comp.formula
ANP non-polymer 'PHOSPHOAMINOPHOSPHONIC ACID-ADENYLATE ESTER' 'C10 H17 N6 O12 P3'
EDO non-polymer 1,2-ETHANEDIOL 'C2 H6 O2'
MG non-polymer 'MAGNESIUM ION' 'Mg 2'
NO3 non-polymer 'NITRATE ION' 'N O3 -1'
#
# COMPACT_ATOMS: atom_id res chain seq x y z
N PHE A 19 22.66 0.48 -4.98
CA PHE A 19 21.23 0.91 -5.08
C PHE A 19 20.74 1.66 -3.84
N GLN A 20 19.80 2.57 -4.05
N GLN A 20 19.83 2.61 -4.07
CA GLN A 20 19.15 3.23 -2.94
CA GLN A 20 19.13 3.29 -2.97
C GLN A 20 18.02 2.34 -2.43
C GLN A 20 18.04 2.36 -2.43
N GLY A 21 17.34 2.79 -1.40
CA GLY A 21 16.29 1.94 -0.76
C GLY A 21 15.23 1.49 -1.76
N HIS A 22 14.68 0.33 -1.46
CA HIS A 22 13.58 -0.27 -2.19
C HIS A 22 12.29 0.43 -1.85
N MET A 23 11.30 0.31 -2.73
CA MET A 23 9.98 0.95 -2.51
C MET A 23 8.89 -0.04 -2.79
N LEU A 24 7.95 -0.13 -1.85
CA LEU A 24 6.83 -1.06 -1.95
C LEU A 24 5.55 -0.27 -1.80
N PHE A 25 4.70 -0.29 -2.83
CA PHE A 25 3.40 0.30 -2.81
C PHE A 25 2.40 -0.70 -2.25
N ILE A 26 1.51 -0.23 -1.40
CA ILE A 26 0.46 -1.08 -0.80
C ILE A 26 -0.90 -0.60 -1.25
N SER A 27 -1.56 -1.42 -2.03
CA SER A 27 -2.92 -1.14 -2.53
CA SER A 27 -2.92 -1.11 -2.53
CA SER A 27 -2.90 -1.16 -2.56
C SER A 27 -3.84 -2.21 -1.97
N ALA A 28 -5.11 -2.21 -2.35
CA ALA A 28 -6.04 -3.17 -1.84
C ALA A 28 -7.16 -3.44 -2.77
N THR A 29 -7.85 -4.54 -2.55
CA THR A 29 -9.10 -4.90 -3.22
C THR A 29 -10.18 -3.86 -2.92
N ASN A 30 -10.20 -3.26 -1.74
CA ASN A 30 -11.28 -2.42 -1.26
C ASN A 30 -10.77 -1.57 -0.13
N THR A 31 -11.36 -0.37 0.06
CA THR A 31 -11.10 0.40 1.24
C THR A 31 -11.45 -0.43 2.47
N ASN A 32 -10.64 -0.37 3.50
CA ASN A 32 -10.76 -1.13 4.71
C ASN A 32 -10.39 -2.61 4.60
N ALA A 33 -9.77 -3.07 3.50
CA ALA A 33 -9.28 -4.42 3.41
C ALA A 33 -8.16 -4.69 4.38
N GLY A 34 -7.40 -3.67 4.75
CA GLY A 34 -6.30 -3.84 5.71
C GLY A 34 -4.92 -3.30 5.29
N LYS A 35 -4.85 -2.30 4.40
CA LYS A 35 -3.56 -1.76 4.01
C LYS A 35 -2.77 -1.25 5.19
N THR A 36 -3.38 -0.43 6.01
CA THR A 36 -2.64 0.19 7.11
C THR A 36 -2.20 -0.84 8.12
N THR A 37 -3.09 -1.74 8.48
CA THR A 37 -2.78 -2.81 9.44
C THR A 37 -1.56 -3.61 8.95
N CYS A 38 -1.63 -4.04 7.70
CA CYS A 38 -0.60 -4.91 7.13
C CYS A 38 0.69 -4.15 6.88
N ALA A 39 0.61 -2.91 6.41
CA ALA A 39 1.80 -2.06 6.25
C ALA A 39 2.51 -1.92 7.57
N ARG A 40 1.79 -1.60 8.63
CA ARG A 40 2.42 -1.40 9.95
C ARG A 40 3.07 -2.69 10.44
N LEU A 41 2.40 -3.82 10.24
CA LEU A 41 2.98 -5.13 10.64
C LEU A 41 4.23 -5.44 9.83
N LEU A 42 4.23 -5.15 8.53
CA LEU A 42 5.39 -5.46 7.71
C LEU A 42 6.57 -4.55 8.07
N ALA A 43 6.31 -3.25 8.24
CA ALA A 43 7.36 -2.31 8.63
C ALA A 43 7.91 -2.69 9.99
N GLN A 44 7.08 -3.10 10.94
CA GLN A 44 7.57 -3.50 12.26
C GLN A 44 8.49 -4.69 12.13
N TYR A 45 8.08 -5.67 11.34
CA TYR A 45 8.89 -6.89 11.12
C TYR A 45 10.23 -6.56 10.47
N CYS A 46 10.19 -5.76 9.41
CA CYS A 46 11.44 -5.35 8.74
C CYS A 46 12.36 -4.61 9.69
N ASN A 47 11.83 -3.60 10.40
CA ASN A 47 12.65 -2.87 11.37
C ASN A 47 13.23 -3.78 12.44
N ALA A 48 12.49 -4.77 12.91
CA ALA A 48 13.00 -5.71 13.92
C ALA A 48 14.12 -6.55 13.35
N CYS A 49 14.20 -6.75 12.04
CA CYS A 49 15.27 -7.44 11.32
C CYS A 49 16.39 -6.50 10.91
N GLY A 50 16.38 -5.26 11.35
CA GLY A 50 17.44 -4.29 11.04
C GLY A 50 17.33 -3.69 9.64
N VAL A 51 16.18 -3.83 8.97
CA VAL A 51 15.91 -3.25 7.65
C VAL A 51 15.14 -1.97 7.93
N LYS A 52 15.81 -0.82 7.81
CA LYS A 52 15.25 0.44 8.23
C LYS A 52 14.11 0.87 7.28
N THR A 53 12.91 0.95 7.81
CA THR A 53 11.70 1.04 7.01
C THR A 53 10.83 2.19 7.46
N ILE A 54 10.40 3.01 6.49
CA ILE A 54 9.49 4.13 6.73
C ILE A 54 8.14 3.86 6.08
N LEU A 55 7.07 4.36 6.67
CA LEU A 55 5.69 4.25 6.20
C LEU A 55 5.19 5.62 5.74
N LEU A 56 4.71 5.71 4.52
CA LEU A 56 4.21 6.97 3.94
C LEU A 56 2.78 6.79 3.48
N LYS A 57 2.00 7.86 3.63
CA LYS A 57 0.60 7.87 3.18
C LYS A 57 0.44 9.15 2.35
N PRO A 58 0.90 9.18 1.09
CA PRO A 58 1.03 10.46 0.38
C PRO A 58 -0.29 11.17 0.15
N ILE A 59 -1.38 10.43 -0.04
CA ILE A 59 -2.71 10.97 -0.29
C ILE A 59 -3.65 10.31 0.70
N GLU A 60 -4.41 11.12 1.41
CA GLU A 60 -5.38 10.57 2.38
C GLU A 60 -6.65 11.38 2.32
N THR A 61 -7.80 10.70 2.22
CA THR A 61 -9.11 11.34 2.26
C THR A 61 -9.76 10.97 3.59
N GLY A 62 -10.88 11.63 3.86
CA GLY A 62 -11.60 11.31 5.06
C GLY A 62 -11.02 11.77 6.38
N VAL A 63 -10.19 12.80 6.37
CA VAL A 63 -9.47 13.23 7.55
C VAL A 63 -9.82 14.62 8.01
N ASN A 64 -9.62 14.87 9.29
CA ASN A 64 -9.80 16.21 9.83
C ASN A 64 -8.73 16.35 10.90
N ASP A 65 -7.58 16.87 10.47
CA ASP A 65 -6.39 16.95 11.32
C ASP A 65 -6.45 17.93 12.44
N ALA A 66 -7.41 18.87 12.36
CA ALA A 66 -7.56 19.90 13.40
C ALA A 66 -8.11 19.21 14.64
N ILE A 67 -8.86 18.15 14.48
CA ILE A 67 -9.63 17.50 15.61
C ILE A 67 -9.31 16.03 15.83
N ASN A 68 -8.69 15.35 14.88
CA ASN A 68 -8.45 13.89 14.95
C ASN A 68 -6.96 13.59 14.63
N HIS A 69 -6.28 12.83 15.53
CA HIS A 69 -4.90 12.44 15.31
CA HIS A 69 -4.90 12.45 15.33
C HIS A 69 -4.76 10.92 15.20
N SER A 70 -5.69 10.28 14.51
CA SER A 70 -5.52 8.83 14.31
CA SER A 70 -5.70 8.83 14.33
C SER A 70 -5.79 8.41 12.86
N SER A 71 -5.53 9.31 11.93
CA SER A 71 -5.56 8.97 10.53
C SER A 71 -4.37 8.02 10.25
N ASP A 72 -4.35 7.49 9.05
CA ASP A 72 -3.24 6.59 8.68
C ASP A 72 -1.92 7.29 8.79
N ALA A 73 -1.84 8.54 8.33
CA ALA A 73 -0.58 9.27 8.45
C ALA A 73 -0.20 9.46 9.88
N HIS A 74 -1.15 9.69 10.80
CA HIS A 74 -0.81 9.82 12.21
C HIS A 74 -0.26 8.52 12.78
N LEU A 75 -0.87 7.40 12.39
CA LEU A 75 -0.41 6.09 12.87
C LEU A 75 0.97 5.79 12.34
N PHE A 76 1.18 6.06 11.07
CA PHE A 76 2.50 5.91 10.47
C PHE A 76 3.50 6.80 11.14
N LEU A 77 3.14 8.04 11.43
CA LEU A 77 4.04 8.98 12.06
C LEU A 77 4.50 8.45 13.42
N GLN A 78 3.61 7.90 14.20
N GLN A 78 3.58 7.91 14.19
CA GLN A 78 4.00 7.34 15.51
CA GLN A 78 3.87 7.28 15.49
C GLN A 78 5.03 6.23 15.30
C GLN A 78 4.91 6.19 15.37
N ASP A 79 4.77 5.34 14.36
CA ASP A 79 5.72 4.26 14.12
C ASP A 79 7.06 4.81 13.64
N ASN A 80 6.99 5.75 12.70
CA ASN A 80 8.18 6.32 12.08
C ASN A 80 9.06 7.09 13.04
N ARG A 81 8.48 7.70 14.04
N ARG A 81 8.47 7.68 14.05
CA ARG A 81 9.29 8.49 14.96
CA ARG A 81 9.21 8.47 15.00
C ARG A 81 10.10 7.61 15.90
C ARG A 81 10.20 7.60 15.78
N LEU A 82 9.93 6.29 15.86
CA LEU A 82 10.86 5.35 16.52
C LEU A 82 12.22 5.35 15.84
N LEU A 83 12.29 5.84 14.59
CA LEU A 83 13.52 5.95 13.79
C LEU A 83 14.00 7.38 13.61
N ASP A 84 13.09 8.36 13.68
CA ASP A 84 13.45 9.78 13.42
C ASP A 84 12.47 10.63 14.19
N ARG A 85 12.85 11.15 15.33
CA ARG A 85 11.93 12.00 16.16
C ARG A 85 11.53 13.23 15.46
N SER A 86 12.33 13.71 14.50
CA SER A 86 12.08 15.01 13.81
C SER A 86 10.98 14.93 12.79
N LEU A 87 10.55 13.73 12.38
CA LEU A 87 9.48 13.67 11.41
C LEU A 87 8.19 14.33 11.96
N THR A 88 7.47 14.96 11.04
CA THR A 88 6.15 15.51 11.28
C THR A 88 5.17 15.02 10.20
N LEU A 89 3.89 15.21 10.42
CA LEU A 89 2.87 14.74 9.52
C LEU A 89 3.11 15.17 8.07
N LYS A 90 3.49 16.44 7.90
CA LYS A 90 3.66 16.95 6.53
C LYS A 90 4.86 16.34 5.81
N ASP A 91 5.77 15.64 6.52
CA ASP A 91 6.88 14.97 5.89
C ASP A 91 6.44 13.67 5.24
N ILE A 92 5.31 13.11 5.63
CA ILE A 92 4.93 11.74 5.18
C ILE A 92 3.56 11.68 4.52
N SER A 93 2.84 12.78 4.47
CA SER A 93 1.54 12.82 3.83
C SER A 93 1.34 14.21 3.24
N PHE A 94 0.94 14.32 1.99
CA PHE A 94 1.09 15.58 1.21
C PHE A 94 -0.20 16.13 0.70
N TYR A 95 -1.19 15.30 0.42
CA TYR A 95 -2.50 15.74 -0.09
C TYR A 95 -3.54 15.10 0.82
N ARG A 96 -4.25 15.92 1.57
CA ARG A 96 -5.12 15.47 2.62
C ARG A 96 -6.47 16.20 2.52
N TYR A 97 -7.55 15.45 2.58
CA TYR A 97 -8.88 15.98 2.32
C TYR A 97 -9.86 15.45 3.33
N HIS A 98 -10.87 16.29 3.59
CA HIS A 98 -12.00 15.91 4.43
C HIS A 98 -12.98 14.93 3.81
N LYS A 99 -13.22 15.06 2.52
CA LYS A 99 -14.27 14.25 1.85
C LYS A 99 -13.87 12.79 1.87
N VAL A 100 -14.85 11.90 2.10
CA VAL A 100 -14.66 10.47 2.06
C VAL A 100 -15.02 10.00 0.64
N SER A 101 -14.05 10.07 -0.25
CA SER A 101 -14.27 9.90 -1.70
C SER A 101 -12.96 9.55 -2.39
N ALA A 102 -13.05 9.35 -3.71
CA ALA A 102 -11.83 9.25 -4.52
C ALA A 102 -11.04 10.53 -4.40
N PRO A 103 -9.71 10.48 -4.42
CA PRO A 103 -8.94 11.69 -4.27
C PRO A 103 -9.23 12.75 -5.32
N LEU A 104 -9.42 12.39 -6.57
CA LEU A 104 -9.69 13.41 -7.60
C LEU A 104 -10.86 14.25 -7.21
N ILE A 105 -11.96 13.64 -6.79
CA ILE A 105 -13.12 14.38 -6.45
C ILE A 105 -12.92 15.27 -5.24
N ALA A 106 -12.27 14.74 -4.21
CA ALA A 106 -12.00 15.52 -3.02
C ALA A 106 -11.14 16.71 -3.36
N GLN A 107 -10.13 16.53 -4.17
CA GLN A 107 -9.27 17.65 -4.60
C GLN A 107 -10.09 18.68 -5.39
N GLN A 108 -10.89 18.27 -6.34
CA GLN A 108 -11.64 19.26 -7.13
C GLN A 108 -12.59 20.06 -6.25
N GLU A 109 -13.13 19.44 -5.21
CA GLU A 109 -14.09 20.15 -4.35
C GLU A 109 -13.42 21.01 -3.34
N GLU A 110 -12.35 20.53 -2.71
CA GLU A 110 -11.77 21.24 -1.58
C GLU A 110 -10.55 22.08 -1.94
N ASP A 111 -9.86 21.77 -3.02
CA ASP A 111 -8.60 22.47 -3.35
C ASP A 111 -8.51 22.56 -4.85
N PRO A 112 -9.47 23.26 -5.47
CA PRO A 112 -9.63 23.28 -6.93
C PRO A 112 -8.38 23.77 -7.69
N ASN A 113 -7.58 24.61 -7.07
CA ASN A 113 -6.42 25.16 -7.74
C ASN A 113 -5.17 24.38 -7.53
N ALA A 114 -5.25 23.26 -6.82
CA ALA A 114 -4.08 22.42 -6.59
C ALA A 114 -4.33 20.95 -6.95
N PRO A 115 -4.32 20.63 -8.25
CA PRO A 115 -4.35 19.22 -8.62
C PRO A 115 -3.20 18.45 -7.99
N ILE A 116 -3.47 17.19 -7.70
CA ILE A 116 -2.44 16.31 -7.18
C ILE A 116 -1.33 16.18 -8.22
N ASP A 117 -0.10 16.38 -7.79
CA ASP A 117 1.06 16.38 -8.70
C ASP A 117 1.87 15.13 -8.44
N THR A 118 1.76 14.14 -9.27
CA THR A 118 2.43 12.88 -9.01
C THR A 118 3.94 12.95 -9.34
N ASP A 119 4.36 13.92 -10.16
CA ASP A 119 5.82 14.13 -10.32
C ASP A 119 6.41 14.61 -9.02
N ASN A 120 5.77 15.55 -8.34
CA ASN A 120 6.18 16.01 -7.02
C ASN A 120 6.20 14.88 -6.03
N LEU A 121 5.14 14.09 -6.00
CA LEU A 121 5.08 12.93 -5.11
C LEU A 121 6.19 11.94 -5.36
N THR A 122 6.49 11.68 -6.63
CA THR A 122 7.53 10.72 -6.98
C THR A 122 8.87 11.21 -6.45
N GLN A 123 9.19 12.48 -6.60
CA GLN A 123 10.40 13.04 -6.01
C GLN A 123 10.44 12.93 -4.51
N ARG A 124 9.36 13.27 -3.84
CA ARG A 124 9.36 13.24 -2.36
C ARG A 124 9.53 11.82 -1.85
N LEU A 125 8.83 10.88 -2.45
CA LEU A 125 8.94 9.47 -2.05
C LEU A 125 10.30 8.90 -2.33
N HIS A 126 10.87 9.17 -3.49
N HIS A 126 10.81 9.13 -3.53
CA HIS A 126 12.19 8.68 -3.80
CA HIS A 126 12.10 8.63 -3.94
C HIS A 126 13.23 9.35 -2.93
C HIS A 126 13.14 9.14 -2.98
N ASN A 127 13.02 10.55 -2.45
N ASN A 127 13.04 10.38 -2.57
CA ASN A 127 14.04 11.12 -1.54
CA ASN A 127 14.05 10.98 -1.66
C ASN A 127 14.24 10.28 -0.27
C ASN A 127 14.26 10.19 -0.38
N PHE A 128 13.21 9.58 0.18
CA PHE A 128 13.32 8.72 1.36
C PHE A 128 14.14 7.47 1.11
N THR A 129 14.39 7.10 -0.14
CA THR A 129 15.27 5.95 -0.46
C THR A 129 16.71 6.29 -0.16
N LYS A 130 17.06 7.53 0.06
CA LYS A 130 18.41 7.88 0.54
C LYS A 130 18.62 7.40 1.98
N THR A 131 17.62 7.54 2.83
CA THR A 131 17.75 7.38 4.26
C THR A 131 17.13 6.12 4.85
N TYR A 132 16.42 5.34 4.02
CA TYR A 132 15.76 4.13 4.43
C TYR A 132 16.11 2.97 3.49
N ASP A 133 16.17 1.77 4.05
CA ASP A 133 16.34 0.57 3.27
C ASP A 133 15.07 0.23 2.51
N LEU A 134 13.91 0.54 3.06
CA LEU A 134 12.61 0.24 2.46
C LEU A 134 11.66 1.37 2.78
N VAL A 135 11.01 1.82 1.71
CA VAL A 135 9.99 2.87 1.76
C VAL A 135 8.65 2.22 1.40
N ILE A 136 7.74 2.16 2.36
CA ILE A 136 6.41 1.58 2.16
C ILE A 136 5.43 2.72 1.91
N VAL A 137 4.68 2.68 0.83
CA VAL A 137 3.80 3.73 0.38
C VAL A 137 2.40 3.16 0.37
N GLU A 138 1.52 3.57 1.29
CA GLU A 138 0.12 3.17 1.23
C GLU A 138 -0.64 4.03 0.23
N GLY A 139 -1.42 3.47 -0.69
CA GLY A 139 -2.29 4.20 -1.57
C GLY A 139 -3.61 4.53 -0.91
N ALA A 140 -4.67 4.75 -1.70
CA ALA A 140 -5.97 5.04 -1.19
C ALA A 140 -6.93 4.54 -2.23
N GLY A 141 -8.04 4.00 -1.78
CA GLY A 141 -9.17 3.79 -2.70
C GLY A 141 -9.17 2.51 -3.51
N GLY A 142 -8.06 2.18 -4.21
CA GLY A 142 -7.94 0.95 -5.04
C GLY A 142 -7.15 1.27 -6.27
N LEU A 143 -6.78 0.26 -7.03
CA LEU A 143 -5.90 0.50 -8.17
C LEU A 143 -6.48 1.43 -9.20
N CYS A 144 -7.79 1.39 -9.41
CA CYS A 144 -8.41 2.19 -10.43
C CYS A 144 -8.96 3.49 -9.93
N VAL A 145 -8.77 3.79 -8.65
CA VAL A 145 -9.35 5.05 -8.14
C VAL A 145 -8.58 6.25 -8.69
N PRO A 146 -9.29 7.26 -9.17
CA PRO A 146 -8.66 8.39 -9.82
C PRO A 146 -8.00 9.39 -8.84
N ILE A 147 -6.76 9.79 -9.21
CA ILE A 147 -5.90 10.79 -8.54
CA ILE A 147 -6.05 10.81 -8.45
C ILE A 147 -6.06 12.11 -9.23
N THR A 148 -5.83 12.09 -10.50
CA THR A 148 -5.87 13.26 -11.33
C THR A 148 -6.79 12.88 -12.49
N LEU A 149 -7.02 13.88 -13.35
CA LEU A 149 -7.82 13.60 -14.50
C LEU A 149 -7.27 12.48 -15.43
N GLU A 150 -5.96 12.27 -15.40
CA GLU A 150 -5.31 11.33 -16.28
CA GLU A 150 -5.32 11.33 -16.26
C GLU A 150 -4.71 10.11 -15.58
N GLU A 151 -4.67 10.11 -14.26
CA GLU A 151 -3.97 9.04 -13.51
C GLU A 151 -4.79 8.47 -12.39
N ASN A 152 -4.68 7.17 -12.24
CA ASN A 152 -5.22 6.46 -11.10
C ASN A 152 -4.10 5.98 -10.18
N MET A 153 -4.42 5.27 -9.11
CA MET A 153 -3.45 4.77 -8.19
C MET A 153 -2.45 3.87 -8.82
N LEU A 154 -2.86 2.98 -9.72
CA LEU A 154 -1.92 2.11 -10.40
C LEU A 154 -0.94 2.94 -11.22
N ASP A 155 -1.43 3.96 -11.92
CA ASP A 155 -0.51 4.81 -12.69
C ASP A 155 0.54 5.45 -11.82
N PHE A 156 0.16 5.89 -10.62
CA PHE A 156 1.09 6.44 -9.64
C PHE A 156 2.12 5.38 -9.25
N ALA A 157 1.69 4.20 -8.90
CA ALA A 157 2.63 3.16 -8.56
C ALA A 157 3.56 2.84 -9.68
N LEU A 158 3.06 2.87 -10.93
CA LEU A 158 3.93 2.61 -12.11
C LEU A 158 4.97 3.72 -12.29
N LYS A 159 4.58 4.97 -12.08
CA LYS A 159 5.50 6.10 -12.18
C LYS A 159 6.57 5.99 -11.10
N LEU A 160 6.23 5.52 -9.90
CA LEU A 160 7.19 5.30 -8.81
C LEU A 160 8.21 4.23 -9.09
N LYS A 161 7.87 3.29 -9.95
CA LYS A 161 8.70 2.12 -10.26
C LYS A 161 8.80 1.24 -9.00
N ALA A 162 7.79 1.28 -8.15
CA ALA A 162 7.73 0.50 -6.91
C ALA A 162 7.33 -0.93 -7.20
N LYS A 163 7.62 -1.82 -6.31
CA LYS A 163 6.92 -3.10 -6.30
C LYS A 163 5.57 -2.91 -5.67
N MET A 164 4.65 -3.85 -5.87
CA MET A 164 3.24 -3.72 -5.47
CA MET A 164 3.30 -3.69 -5.36
C MET A 164 2.86 -4.85 -4.52
N LEU A 165 2.27 -4.53 -3.39
CA LEU A 165 1.59 -5.49 -2.53
C LEU A 165 0.14 -5.09 -2.47
N LEU A 166 -0.73 -5.97 -3.00
CA LEU A 166 -2.14 -5.75 -3.00
C LEU A 166 -2.75 -6.55 -1.87
N ILE A 167 -3.38 -5.91 -0.94
CA ILE A 167 -4.01 -6.56 0.19
C ILE A 167 -5.47 -6.85 -0.15
N SER A 168 -5.89 -8.10 0.04
CA SER A 168 -7.28 -8.52 -0.14
C SER A 168 -7.97 -8.69 1.19
N HIS A 169 -9.24 -8.40 1.20
CA HIS A 169 -10.11 -8.83 2.28
C HIS A 169 -10.22 -10.34 2.30
N ASP A 170 -10.79 -10.83 3.40
CA ASP A 170 -10.87 -12.26 3.70
C ASP A 170 -12.28 -12.85 3.69
N ASN A 171 -13.22 -12.12 3.07
CA ASN A 171 -14.63 -12.59 3.04
C ASN A 171 -15.00 -13.19 1.72
N LEU A 172 -16.20 -13.78 1.66
CA LEU A 172 -16.76 -14.26 0.42
C LEU A 172 -16.67 -13.15 -0.57
N GLY A 173 -16.22 -13.45 -1.78
CA GLY A 173 -15.99 -12.47 -2.79
C GLY A 173 -14.56 -12.20 -3.09
N LEU A 174 -13.67 -12.65 -2.17
CA LEU A 174 -12.24 -12.38 -2.32
C LEU A 174 -11.69 -13.02 -3.57
N ILE A 175 -12.24 -14.16 -3.99
CA ILE A 175 -11.74 -14.78 -5.21
C ILE A 175 -11.89 -13.83 -6.43
N ASN A 176 -13.12 -13.36 -6.62
CA ASN A 176 -13.38 -12.49 -7.71
C ASN A 176 -12.52 -11.21 -7.62
N ASP A 177 -12.46 -10.64 -6.42
CA ASP A 177 -11.72 -9.39 -6.25
C ASP A 177 -10.23 -9.60 -6.53
N CYS A 178 -9.63 -10.63 -5.93
CA CYS A 178 -8.24 -10.91 -6.19
C CYS A 178 -8.00 -11.09 -7.66
N LEU A 179 -8.85 -11.85 -8.35
N LEU A 179 -8.86 -11.83 -8.34
CA LEU A 179 -8.54 -12.19 -9.74
CA LEU A 179 -8.59 -12.19 -9.73
C LEU A 179 -8.78 -11.00 -10.69
C LEU A 179 -8.79 -11.00 -10.68
N LEU A 180 -9.71 -10.11 -10.35
CA LEU A 180 -9.87 -8.87 -11.13
C LEU A 180 -8.59 -8.02 -11.04
N ASN A 181 -8.07 -7.92 -9.80
CA ASN A 181 -6.81 -7.16 -9.64
C ASN A 181 -5.66 -7.89 -10.28
N ASP A 182 -5.60 -9.22 -10.18
CA ASP A 182 -4.51 -9.98 -10.82
C ASP A 182 -4.52 -9.70 -12.33
N PHE A 183 -5.70 -9.66 -12.95
CA PHE A 183 -5.76 -9.46 -14.38
C PHE A 183 -5.20 -8.08 -14.73
N LEU A 184 -5.59 -7.06 -13.98
CA LEU A 184 -5.09 -5.69 -14.24
C LEU A 184 -3.58 -5.63 -14.01
N LEU A 185 -3.09 -6.17 -12.90
CA LEU A 185 -1.67 -6.11 -12.58
C LEU A 185 -0.79 -6.85 -13.55
N LYS A 186 -1.19 -8.06 -13.94
CA LYS A 186 -0.39 -8.82 -14.86
C LYS A 186 -0.35 -8.20 -16.24
N SER A 187 -1.27 -7.30 -16.53
N SER A 187 -1.28 -7.30 -16.57
CA SER A 187 -1.38 -6.59 -17.80
CA SER A 187 -1.28 -6.59 -17.87
C SER A 187 -0.48 -5.36 -17.85
C SER A 187 -0.19 -5.54 -17.94
N HIS A 188 0.29 -5.13 -16.77
CA HIS A 188 1.19 -3.99 -16.62
C HIS A 188 2.58 -4.46 -16.23
N GLN A 189 3.55 -3.59 -16.41
CA GLN A 189 4.97 -3.94 -16.16
C GLN A 189 5.36 -3.52 -14.75
N LEU A 190 5.08 -4.41 -13.81
CA LEU A 190 5.46 -4.27 -12.43
C LEU A 190 5.48 -5.62 -11.72
N ASP A 191 6.27 -5.70 -10.69
CA ASP A 191 6.39 -6.86 -9.81
CA ASP A 191 6.41 -6.87 -9.84
C ASP A 191 5.38 -6.71 -8.72
N TYR A 192 4.52 -7.68 -8.55
CA TYR A 192 3.46 -7.55 -7.57
C TYR A 192 3.21 -8.87 -6.82
N LYS A 193 2.71 -8.76 -5.60
N LYS A 193 2.48 -8.74 -5.73
CA LYS A 193 2.10 -9.88 -4.89
CA LYS A 193 2.08 -9.86 -4.90
C LYS A 193 0.73 -9.48 -4.42
C LYS A 193 0.75 -9.52 -4.28
N ILE A 194 -0.19 -10.45 -4.32
CA ILE A 194 -1.49 -10.34 -3.67
C ILE A 194 -1.45 -11.13 -2.38
N ALA A 195 -1.85 -10.50 -1.26
CA ALA A 195 -1.92 -11.15 0.03
C ALA A 195 -3.21 -10.92 0.70
N ILE A 196 -3.87 -11.97 1.18
CA ILE A 196 -5.10 -11.92 1.90
C ILE A 196 -4.84 -11.57 3.35
N ASN A 197 -5.53 -10.55 3.85
CA ASN A 197 -5.50 -10.18 5.25
C ASN A 197 -6.54 -10.94 6.03
N LEU A 198 -6.09 -12.06 6.59
CA LEU A 198 -6.97 -13.03 7.26
C LEU A 198 -7.11 -12.64 8.71
N LYS A 199 -8.29 -12.24 9.08
CA LYS A 199 -8.55 -11.71 10.40
C LYS A 199 -8.78 -12.82 11.37
N GLY A 200 -8.47 -12.51 12.63
CA GLY A 200 -8.77 -13.43 13.70
C GLY A 200 -10.27 -13.74 13.74
N ASN A 201 -10.57 -14.95 14.08
CA ASN A 201 -11.93 -15.45 14.20
C ASN A 201 -12.58 -15.80 12.91
N ASN A 202 -11.89 -15.73 11.80
CA ASN A 202 -12.42 -16.15 10.53
C ASN A 202 -11.83 -17.55 10.16
N THR A 203 -12.62 -18.55 10.31
CA THR A 203 -12.36 -19.90 9.82
C THR A 203 -13.28 -20.26 8.67
N ALA A 204 -14.35 -19.47 8.34
CA ALA A 204 -15.10 -19.69 7.09
C ALA A 204 -14.18 -19.61 5.91
N PHE A 205 -13.20 -18.72 5.95
CA PHE A 205 -12.26 -18.60 4.87
C PHE A 205 -11.69 -19.95 4.43
N HIS A 206 -11.30 -20.76 5.42
CA HIS A 206 -10.62 -21.99 5.11
C HIS A 206 -11.52 -23.00 4.39
N SER A 207 -12.79 -23.00 4.71
CA SER A 207 -13.77 -23.88 4.14
C SER A 207 -14.32 -23.40 2.81
N ILE A 208 -14.39 -22.10 2.60
CA ILE A 208 -15.17 -21.49 1.49
C ILE A 208 -14.22 -21.02 0.39
N SER A 209 -13.19 -20.26 0.73
CA SER A 209 -12.33 -19.62 -0.28
C SER A 209 -10.99 -20.29 -0.45
N LEU A 210 -10.39 -20.75 0.62
CA LEU A 210 -9.07 -21.34 0.53
C LEU A 210 -8.96 -22.49 -0.47
N PRO A 211 -9.98 -23.37 -0.61
CA PRO A 211 -9.80 -24.46 -1.57
C PRO A 211 -9.50 -23.96 -2.97
N TYR A 212 -10.08 -22.84 -3.39
CA TYR A 212 -9.74 -22.32 -4.71
C TYR A 212 -8.39 -21.60 -4.73
N ILE A 213 -8.04 -20.86 -3.66
CA ILE A 213 -6.73 -20.25 -3.63
C ILE A 213 -5.66 -21.32 -3.80
N GLU A 214 -5.82 -22.45 -3.14
CA GLU A 214 -4.85 -23.53 -3.28
CA GLU A 214 -4.91 -23.58 -3.24
C GLU A 214 -4.78 -24.01 -4.70
N LEU A 215 -5.91 -24.25 -5.36
CA LEU A 215 -5.90 -24.68 -6.77
C LEU A 215 -5.25 -23.64 -7.67
N PHE A 216 -5.66 -22.37 -7.49
CA PHE A 216 -5.11 -21.30 -8.30
C PHE A 216 -3.59 -21.28 -8.20
N ASN A 217 -3.06 -21.47 -6.98
CA ASN A 217 -1.63 -21.39 -6.75
C ASN A 217 -0.86 -22.52 -7.40
N THR A 218 -1.49 -23.67 -7.58
CA THR A 218 -0.84 -24.75 -8.37
C THR A 218 -0.76 -24.44 -9.84
N ARG A 219 -1.56 -23.54 -10.33
CA ARG A 219 -1.71 -23.24 -11.72
C ARG A 219 -1.13 -21.89 -12.12
N SER A 220 -0.59 -21.13 -11.14
CA SER A 220 -0.10 -19.72 -11.34
C SER A 220 1.34 -19.64 -11.00
N ASN A 221 2.07 -18.81 -11.73
CA ASN A 221 3.45 -18.55 -11.39
C ASN A 221 3.58 -17.49 -10.31
N ASN A 222 2.50 -16.83 -9.94
CA ASN A 222 2.52 -15.79 -8.95
C ASN A 222 1.40 -16.04 -7.98
N PRO A 223 1.67 -16.72 -6.88
CA PRO A 223 0.55 -17.22 -6.06
C PRO A 223 -0.01 -16.15 -5.17
N ILE A 224 -1.26 -16.33 -4.80
CA ILE A 224 -1.90 -15.49 -3.80
C ILE A 224 -1.57 -16.06 -2.43
N VAL A 225 -0.99 -15.26 -1.54
CA VAL A 225 -0.59 -15.72 -0.22
C VAL A 225 -1.49 -15.16 0.85
N ILE A 226 -1.34 -15.68 2.07
CA ILE A 226 -2.02 -15.14 3.23
C ILE A 226 -1.04 -14.24 3.96
N PHE A 227 -1.39 -12.96 4.18
CA PHE A 227 -0.44 -12.01 4.73
C PHE A 227 0.18 -12.51 6.04
N GLN A 228 -0.66 -13.04 6.94
CA GLN A 228 -0.22 -13.41 8.26
C GLN A 228 0.76 -14.58 8.20
N GLN A 229 0.76 -15.38 7.15
CA GLN A 229 1.72 -16.46 6.97
C GLN A 229 2.98 -16.00 6.28
N SER A 230 3.06 -14.74 5.87
CA SER A 230 3.98 -14.35 4.82
C SER A 230 4.85 -13.18 5.15
N LEU A 231 5.12 -12.86 6.41
CA LEU A 231 5.99 -11.70 6.67
CA LEU A 231 6.00 -11.71 6.72
C LEU A 231 7.38 -11.87 6.12
N LYS A 232 7.97 -13.06 6.25
CA LYS A 232 9.30 -13.28 5.69
C LYS A 232 9.30 -13.28 4.18
N VAL A 233 8.33 -13.95 3.56
CA VAL A 233 8.21 -13.98 2.14
C VAL A 233 8.03 -12.57 1.57
N LEU A 234 7.20 -11.76 2.22
CA LEU A 234 6.93 -10.42 1.73
C LEU A 234 8.10 -9.47 1.98
N MET A 235 8.81 -9.63 3.07
N MET A 235 8.80 -9.62 3.07
CA MET A 235 10.06 -8.89 3.24
CA MET A 235 10.06 -8.90 3.26
C MET A 235 11.04 -9.20 2.14
C MET A 235 11.03 -9.21 2.16
N SER A 236 11.17 -10.50 1.85
CA SER A 236 12.07 -10.96 0.76
CA SER A 236 12.09 -10.89 0.81
C SER A 236 11.66 -10.33 -0.57
N PHE A 237 10.38 -10.43 -0.89
CA PHE A 237 9.82 -9.84 -2.11
C PHE A 237 10.16 -8.35 -2.19
N ALA A 238 9.91 -7.62 -1.11
CA ALA A 238 10.08 -6.17 -1.15
C ALA A 238 11.53 -5.78 -1.38
N LEU A 239 12.46 -6.57 -0.85
CA LEU A 239 13.87 -6.21 -0.85
C LEU A 239 14.69 -6.83 -1.96
N LYS A 240 14.14 -7.74 -2.71
CA LYS A 240 15.02 -8.50 -3.63
C LYS A 240 15.45 -7.67 -4.80
N GLY A 241 16.64 -7.94 -5.27
CA GLY A 241 17.17 -7.36 -6.51
C GLY A 241 17.55 -5.94 -6.33
N SER A 242 17.69 -5.26 -7.45
CA SER A 242 18.25 -3.90 -7.53
C SER A 242 17.29 -2.88 -6.96
C1 EDO B . -16.04 -7.57 1.67
O1 EDO B . -15.18 -7.46 2.83
C2 EDO B . -15.44 -6.79 0.51
O2 EDO B . -16.10 -5.56 0.25
PG ANP C . -8.27 2.74 4.21
O1G ANP C . -9.21 3.70 4.89
O2G ANP C . -6.83 3.18 4.22
O3G ANP C . -8.63 2.44 2.85
PB ANP C . -7.22 0.13 5.15
O1B ANP C . -7.28 -0.70 3.96
O2B ANP C . -5.87 0.77 5.43
N3B ANP C . -8.38 1.35 5.15
PA ANP C . -7.20 -0.77 7.91
O1A ANP C . -7.34 0.56 8.52
O2A ANP C . -5.89 -1.47 8.05
O3A ANP C . -7.65 -0.73 6.43
O5' ANP C . -8.27 -1.76 8.54
C5' ANP C . -9.67 -1.41 8.63
C4' ANP C . -10.22 -1.80 9.97
O4' ANP C . -10.16 -3.23 10.10
C3' ANP C . -9.45 -1.23 11.11
O3' ANP C . -10.32 -0.91 12.26
C2' ANP C . -8.52 -2.30 11.56
O2' ANP C . -8.09 -2.25 12.94
C1' ANP C . -9.39 -3.53 11.17
N9 ANP C . -8.49 -4.66 10.80
C8 ANP C . -7.79 -4.75 9.62
N7 ANP C . -7.13 -5.91 9.61
C5 ANP C . -7.39 -6.57 10.75
C6 ANP C . -6.95 -7.84 11.24
N6 ANP C . -6.10 -8.63 10.61
N1 ANP C . -7.44 -8.17 12.45
C2 ANP C . -8.32 -7.40 13.11
N3 ANP C . -8.74 -6.22 12.70
C4 ANP C . -8.27 -5.77 11.50
MG MG D . -5.39 2.77 5.55
C1 EDO E . -3.68 1.78 -15.91
O1 EDO E . -3.65 2.20 -14.52
C2 EDO E . -4.73 0.68 -16.17
O2 EDO E . -6.10 1.21 -16.24
N NO3 F . -5.02 1.59 -3.09
O1 NO3 F . -5.49 0.43 -3.63
O2 NO3 F . -4.12 2.19 -3.73
O3 NO3 F . -5.45 1.98 -1.91
C1 EDO G . -5.44 20.21 1.43
O1 EDO G . -6.87 19.94 1.27
C2 EDO G . -4.60 19.32 0.50
O2 EDO G . -3.49 18.77 1.26
C1 EDO H . -8.82 6.42 -14.69
O1 EDO H . -7.53 6.93 -14.24
C2 EDO H . -9.52 5.87 -13.44
O2 EDO H . -9.06 4.49 -13.27
C1 EDO I . 18.84 -3.19 2.40
O1 EDO I . 18.74 -3.61 1.03
C2 EDO I . 17.81 -3.97 3.21
O2 EDO I . 18.14 -5.37 3.32
C1 EDO J . -2.56 -19.98 1.63
O1 EDO J . -2.24 -21.33 1.83
C2 EDO J . -2.12 -19.62 0.22
O2 EDO J . -0.71 -19.44 0.22
C1 EDO K . -7.52 17.99 5.55
O1 EDO K . -7.99 19.35 5.40
C2 EDO K . -6.69 17.83 6.78
O2 EDO K . -7.49 18.16 7.94
C1 EDO L . 2.94 -2.38 14.87
O1 EDO L . 3.01 -0.97 14.76
C2 EDO L . 1.81 -2.99 14.02
O2 EDO L . 0.56 -2.38 14.38
C1 EDO M . -20.66 -24.49 6.70
O1 EDO M . -20.01 -23.20 6.74
C2 EDO M . -19.91 -25.49 5.82
O2 EDO M . -18.50 -25.16 5.58
C1 EDO N . 11.95 -2.34 -7.15
O1 EDO N . 12.66 -3.26 -6.29
C2 EDO N . 11.38 -1.22 -6.31
O2 EDO N . 12.08 -1.21 -5.06
C1 EDO O . -5.17 4.93 -16.47
O1 EDO O . -5.63 6.20 -16.00
C2 EDO O . -6.01 4.35 -17.61
O2 EDO O . -7.18 3.71 -17.09
#